data_8Q4P
#
_entry.id   8Q4P
#
_cell.length_a   39.850
_cell.length_b   103.510
_cell.length_c   42.130
_cell.angle_alpha   90.000
_cell.angle_beta   104.560
_cell.angle_gamma   90.000
#
_symmetry.space_group_name_H-M   'P 1 21 1'
#
loop_
_entity.id
_entity.type
_entity.pdbx_description
1 polymer 'YTH domain-containing protein 1'
2 non-polymer 'SULFATE ION'
3 non-polymer 2-chloranyl-9-[(3-methoxyphenyl)methyl]-~{N}-methyl-purin-6-amine
4 water water
#
_entity_poly.entity_id   1
_entity_poly.type   'polypeptide(L)'
_entity_poly.pdbx_seq_one_letter_code
;GTSKLKYVLQDARFFLIKSNNHENVSLAKAKGVWSTLPVNEKKLNLAFRSARSVILIFSVRESGKFQGFARLSSESHHGG
SPIHWVLPAGMSAKMLGGVFKIDWICRRELPFTKSAHLTNPWNEHKPVKIGRDGQEIELECGTQLCLLFPPDESIDLYQV
IHKMRH
;
_entity_poly.pdbx_strand_id   A,B
#
loop_
_chem_comp.id
_chem_comp.type
_chem_comp.name
_chem_comp.formula
JII non-polymer 2-chloranyl-9-[(3-methoxyphenyl)methyl]-~{N}-methyl-purin-6-amine 'C14 H14 Cl N5 O'
SO4 non-polymer 'SULFATE ION' 'O4 S -2'
#
# COMPACT_ATOMS: atom_id res chain seq x y z
N GLY A 1 -1.35 6.15 3.44
CA GLY A 1 -2.37 6.64 2.52
C GLY A 1 -3.34 5.56 2.05
N THR A 2 -4.25 5.95 1.16
CA THR A 2 -5.24 5.02 0.62
C THR A 2 -5.10 4.82 -0.88
N SER A 3 -4.08 5.39 -1.51
CA SER A 3 -4.01 5.39 -2.97
C SER A 3 -3.71 4.00 -3.52
N LYS A 4 -2.71 3.32 -2.96
CA LYS A 4 -2.42 1.96 -3.41
C LYS A 4 -3.60 1.02 -3.14
N LEU A 5 -4.30 1.19 -2.00
CA LEU A 5 -5.49 0.39 -1.72
C LEU A 5 -6.53 0.57 -2.81
N LYS A 6 -6.81 1.82 -3.18
CA LYS A 6 -7.77 2.08 -4.25
C LYS A 6 -7.34 1.43 -5.56
N TYR A 7 -6.05 1.41 -5.84
CA TYR A 7 -5.54 0.78 -7.05
C TYR A 7 -5.81 -0.72 -7.01
N VAL A 8 -5.59 -1.34 -5.86
CA VAL A 8 -5.84 -2.78 -5.75
C VAL A 8 -7.32 -3.09 -5.92
N LEU A 9 -8.20 -2.21 -5.45
CA LEU A 9 -9.65 -2.43 -5.51
C LEU A 9 -10.26 -2.05 -6.84
N GLN A 10 -9.50 -1.48 -7.76
CA GLN A 10 -10.03 -1.05 -9.04
C GLN A 10 -10.55 -2.25 -9.81
N ASP A 11 -11.83 -2.20 -10.18
CA ASP A 11 -12.46 -3.24 -11.00
C ASP A 11 -12.38 -4.62 -10.34
N ALA A 12 -12.29 -4.63 -9.01
CA ALA A 12 -12.23 -5.86 -8.25
C ALA A 12 -13.62 -6.48 -8.13
N ARG A 13 -13.64 -7.77 -7.82
CA ARG A 13 -14.84 -8.43 -7.33
C ARG A 13 -14.70 -8.72 -5.85
N PHE A 14 -15.83 -8.77 -5.17
CA PHE A 14 -15.86 -8.87 -3.72
C PHE A 14 -16.82 -9.98 -3.30
N PHE A 15 -16.44 -10.76 -2.30
CA PHE A 15 -17.27 -11.84 -1.77
C PHE A 15 -17.24 -11.83 -0.25
N LEU A 16 -18.41 -11.95 0.36
CA LEU A 16 -18.57 -12.05 1.80
C LEU A 16 -18.25 -13.47 2.24
N ILE A 17 -17.32 -13.62 3.18
CA ILE A 17 -16.99 -14.92 3.74
C ILE A 17 -17.50 -14.94 5.17
N LYS A 18 -18.32 -15.91 5.51
CA LYS A 18 -18.85 -16.06 6.86
C LYS A 18 -18.21 -17.28 7.49
N SER A 19 -17.51 -17.10 8.59
CA SER A 19 -16.86 -18.19 9.28
C SER A 19 -17.63 -18.47 10.56
N ASN A 20 -17.78 -19.75 10.89
CA ASN A 20 -18.52 -20.13 12.08
C ASN A 20 -17.71 -19.88 13.35
N ASN A 21 -16.41 -19.68 13.25
CA ASN A 21 -15.57 -19.52 14.44
C ASN A 21 -14.37 -18.62 14.15
N HIS A 22 -13.84 -18.05 15.23
CA HIS A 22 -12.68 -17.18 15.13
C HIS A 22 -11.42 -17.96 14.79
N GLU A 23 -11.33 -19.22 15.24
CA GLU A 23 -10.10 -19.97 15.04
C GLU A 23 -9.75 -20.12 13.57
N ASN A 24 -10.76 -20.32 12.71
CA ASN A 24 -10.43 -20.46 11.29
C ASN A 24 -9.94 -19.15 10.67
N VAL A 25 -10.53 -18.02 11.09
CA VAL A 25 -10.04 -16.75 10.57
C VAL A 25 -8.63 -16.46 11.08
N SER A 26 -8.34 -16.86 12.33
CA SER A 26 -6.99 -16.68 12.84
CA SER A 26 -6.98 -16.69 12.85
C SER A 26 -5.98 -17.53 12.05
N LEU A 27 -6.36 -18.77 11.73
CA LEU A 27 -5.46 -19.62 10.98
C LEU A 27 -5.26 -19.06 9.57
N ALA A 28 -6.31 -18.51 8.96
CA ALA A 28 -6.17 -17.90 7.64
C ALA A 28 -5.27 -16.68 7.68
N LYS A 29 -5.36 -15.88 8.76
CA LYS A 29 -4.47 -14.73 8.92
C LYS A 29 -3.01 -15.13 9.08
N ALA A 30 -2.75 -16.25 9.77
CA ALA A 30 -1.39 -16.69 10.02
C ALA A 30 -0.77 -17.35 8.81
N LYS A 31 -1.53 -18.15 8.07
CA LYS A 31 -1.02 -19.00 7.01
C LYS A 31 -1.29 -18.46 5.61
N GLY A 32 -2.18 -17.48 5.46
CA GLY A 32 -2.42 -16.95 4.14
C GLY A 32 -3.20 -17.90 3.25
N VAL A 33 -4.20 -18.59 3.82
CA VAL A 33 -4.98 -19.59 3.09
C VAL A 33 -6.45 -19.46 3.48
N TRP A 34 -7.32 -19.91 2.57
CA TRP A 34 -8.71 -20.06 2.90
C TRP A 34 -9.28 -21.28 2.18
N SER A 35 -10.24 -21.93 2.83
CA SER A 35 -10.98 -23.04 2.23
C SER A 35 -12.47 -22.82 2.45
N THR A 36 -13.27 -23.20 1.46
CA THR A 36 -14.72 -23.03 1.53
C THR A 36 -15.42 -24.25 0.95
N LEU A 37 -16.75 -24.24 1.04
CA LEU A 37 -17.57 -25.34 0.53
C LEU A 37 -17.46 -25.40 -0.99
N PRO A 38 -17.68 -26.59 -1.58
CA PRO A 38 -17.49 -26.72 -3.03
C PRO A 38 -18.29 -25.73 -3.88
N VAL A 39 -19.54 -25.41 -3.49
CA VAL A 39 -20.32 -24.45 -4.28
C VAL A 39 -19.64 -23.08 -4.33
N ASN A 40 -19.11 -22.62 -3.19
CA ASN A 40 -18.38 -21.36 -3.19
C ASN A 40 -17.01 -21.48 -3.83
N GLU A 41 -16.36 -22.64 -3.68
CA GLU A 41 -15.06 -22.85 -4.32
C GLU A 41 -15.18 -22.66 -5.83
N LYS A 42 -16.25 -23.19 -6.43
CA LYS A 42 -16.44 -23.03 -7.87
C LYS A 42 -16.63 -21.57 -8.24
N LYS A 43 -17.41 -20.83 -7.45
CA LYS A 43 -17.64 -19.41 -7.75
C LYS A 43 -16.34 -18.62 -7.65
N LEU A 44 -15.53 -18.91 -6.63
CA LEU A 44 -14.28 -18.19 -6.46
C LEU A 44 -13.27 -18.48 -7.56
N ASN A 45 -13.21 -19.75 -8.01
CA ASN A 45 -12.30 -20.08 -9.10
C ASN A 45 -12.70 -19.36 -10.38
N LEU A 46 -14.00 -19.32 -10.70
CA LEU A 46 -14.46 -18.57 -11.87
C LEU A 46 -14.13 -17.10 -11.74
N ALA A 47 -14.35 -16.54 -10.56
CA ALA A 47 -14.08 -15.12 -10.33
C ALA A 47 -12.58 -14.82 -10.46
N PHE A 48 -11.73 -15.72 -9.98
CA PHE A 48 -10.28 -15.45 -10.01
C PHE A 48 -9.79 -15.26 -11.44
N ARG A 49 -10.29 -16.05 -12.38
CA ARG A 49 -9.87 -15.91 -13.76
C ARG A 49 -10.48 -14.69 -14.45
N SER A 50 -11.53 -14.11 -13.86
CA SER A 50 -12.36 -13.10 -14.50
C SER A 50 -11.98 -11.66 -14.15
N ALA A 51 -11.23 -11.43 -13.08
CA ALA A 51 -11.06 -10.08 -12.56
C ALA A 51 -9.62 -9.88 -12.11
N ARG A 52 -9.16 -8.62 -12.18
CA ARG A 52 -7.80 -8.30 -11.77
C ARG A 52 -7.57 -8.58 -10.28
N SER A 53 -8.60 -8.45 -9.46
CA SER A 53 -8.51 -8.74 -8.04
C SER A 53 -9.84 -9.34 -7.59
N VAL A 54 -9.76 -10.40 -6.78
CA VAL A 54 -10.91 -10.97 -6.08
C VAL A 54 -10.67 -10.80 -4.60
N ILE A 55 -11.57 -10.09 -3.92
CA ILE A 55 -11.39 -9.71 -2.52
C ILE A 55 -12.38 -10.51 -1.68
N LEU A 56 -11.89 -11.16 -0.63
CA LEU A 56 -12.69 -11.82 0.37
C LEU A 56 -12.80 -10.93 1.61
N ILE A 57 -14.00 -10.66 2.07
CA ILE A 57 -14.24 -9.85 3.25
C ILE A 57 -14.83 -10.77 4.32
N PHE A 58 -14.13 -10.92 5.43
CA PHE A 58 -14.40 -11.96 6.41
C PHE A 58 -15.26 -11.46 7.57
N SER A 59 -16.22 -12.28 7.98
CA SER A 59 -16.97 -12.00 9.19
C SER A 59 -17.24 -13.29 9.95
N VAL A 60 -16.92 -13.28 11.24
CA VAL A 60 -17.17 -14.41 12.13
C VAL A 60 -18.59 -14.29 12.64
N ARG A 61 -19.38 -15.34 12.44
CA ARG A 61 -20.78 -15.37 12.85
C ARG A 61 -20.91 -15.03 14.32
N GLU A 62 -21.86 -14.15 14.63
CA GLU A 62 -22.19 -13.67 15.98
C GLU A 62 -21.20 -12.65 16.53
N SER A 63 -20.15 -12.29 15.78
CA SER A 63 -19.19 -11.34 16.31
C SER A 63 -19.63 -9.89 16.16
N GLY A 64 -20.60 -9.61 15.29
CA GLY A 64 -20.99 -8.24 15.04
C GLY A 64 -19.97 -7.43 14.29
N LYS A 65 -18.99 -8.07 13.68
CA LYS A 65 -17.89 -7.34 13.05
C LYS A 65 -17.40 -8.09 11.82
N PHE A 66 -16.74 -7.34 10.95
CA PHE A 66 -15.83 -7.93 9.96
C PHE A 66 -14.43 -7.99 10.57
N GLN A 67 -13.67 -9.04 10.21
CA GLN A 67 -12.32 -9.23 10.76
C GLN A 67 -11.20 -8.87 9.80
N GLY A 68 -11.50 -8.39 8.62
CA GLY A 68 -10.49 -7.94 7.69
C GLY A 68 -10.84 -8.40 6.29
N PHE A 69 -9.92 -8.16 5.34
CA PHE A 69 -10.12 -8.59 3.96
C PHE A 69 -8.79 -8.92 3.30
N ALA A 70 -8.89 -9.76 2.27
CA ALA A 70 -7.71 -10.34 1.62
C ALA A 70 -7.99 -10.49 0.14
N ARG A 71 -6.94 -10.64 -0.65
CA ARG A 71 -7.04 -10.81 -2.10
C ARG A 71 -6.63 -12.24 -2.45
N LEU A 72 -7.47 -12.94 -3.23
CA LEU A 72 -7.03 -14.24 -3.74
C LEU A 72 -5.75 -14.06 -4.54
N SER A 73 -4.76 -14.93 -4.27
CA SER A 73 -3.56 -14.97 -5.10
C SER A 73 -3.46 -16.23 -5.94
N SER A 74 -4.42 -17.14 -5.83
CA SER A 74 -4.42 -18.38 -6.60
C SER A 74 -5.84 -18.93 -6.68
N GLU A 75 -6.05 -19.86 -7.62
CA GLU A 75 -7.21 -20.72 -7.56
C GLU A 75 -7.01 -21.78 -6.47
N SER A 76 -8.07 -22.55 -6.21
CA SER A 76 -7.98 -23.57 -5.17
C SER A 76 -7.09 -24.73 -5.63
N HIS A 77 -6.38 -25.32 -4.68
CA HIS A 77 -5.50 -26.45 -4.96
C HIS A 77 -5.62 -27.49 -3.86
N HIS A 78 -5.50 -28.75 -4.23
CA HIS A 78 -5.64 -29.88 -3.32
C HIS A 78 -4.28 -30.53 -3.06
N GLY A 79 -4.24 -31.37 -2.03
CA GLY A 79 -2.99 -31.94 -1.61
C GLY A 79 -2.18 -30.91 -0.85
N GLY A 80 -0.91 -31.20 -0.68
CA GLY A 80 -0.05 -30.25 0.01
C GLY A 80 -0.40 -30.11 1.48
N SER A 81 0.32 -29.19 2.12
CA SER A 81 0.31 -28.99 3.55
C SER A 81 -1.13 -28.92 4.07
N PRO A 82 -1.55 -29.87 4.91
CA PRO A 82 -2.93 -29.87 5.40
C PRO A 82 -3.16 -28.72 6.37
N ILE A 83 -4.44 -28.44 6.61
CA ILE A 83 -4.85 -27.30 7.43
C ILE A 83 -5.85 -27.78 8.46
N HIS A 84 -5.56 -27.48 9.73
CA HIS A 84 -6.39 -27.93 10.85
C HIS A 84 -7.52 -26.96 11.12
N TRP A 85 -8.43 -26.86 10.15
CA TRP A 85 -9.64 -26.08 10.35
C TRP A 85 -10.46 -26.67 11.50
N VAL A 86 -11.15 -25.80 12.23
CA VAL A 86 -12.13 -26.24 13.21
C VAL A 86 -13.46 -26.42 12.48
N LEU A 87 -13.97 -27.62 12.50
CA LEU A 87 -15.11 -27.86 11.62
C LEU A 87 -16.41 -27.84 12.42
N PRO A 88 -17.41 -27.12 11.93
CA PRO A 88 -18.71 -27.09 12.62
C PRO A 88 -19.35 -28.46 12.69
N ALA A 89 -20.47 -28.52 13.40
CA ALA A 89 -21.27 -29.75 13.46
C ALA A 89 -21.93 -29.96 12.11
N GLY A 90 -21.61 -31.08 11.46
CA GLY A 90 -22.06 -31.34 10.11
C GLY A 90 -20.96 -31.23 9.08
N MET A 91 -19.74 -30.91 9.51
CA MET A 91 -18.68 -30.44 8.64
C MET A 91 -17.53 -31.43 8.67
N SER A 92 -17.19 -31.99 7.50
CA SER A 92 -16.06 -32.88 7.36
C SER A 92 -14.93 -32.18 6.61
N ALA A 93 -13.71 -32.67 6.83
CA ALA A 93 -12.55 -32.07 6.18
C ALA A 93 -12.58 -32.24 4.67
N LYS A 94 -13.27 -33.27 4.18
CA LYS A 94 -13.37 -33.47 2.74
C LYS A 94 -14.17 -32.35 2.06
N MET A 95 -15.17 -31.80 2.75
CA MET A 95 -15.96 -30.72 2.17
C MET A 95 -15.13 -29.46 1.93
N LEU A 96 -14.17 -29.19 2.80
CA LEU A 96 -13.18 -28.15 2.52
C LEU A 96 -12.17 -28.73 1.53
N GLY A 97 -10.90 -28.83 1.92
CA GLY A 97 -9.95 -29.53 1.08
C GLY A 97 -9.34 -28.72 -0.05
N GLY A 98 -10.17 -27.97 -0.77
CA GLY A 98 -9.64 -27.03 -1.74
C GLY A 98 -9.10 -25.80 -1.05
N VAL A 99 -7.83 -25.47 -1.26
CA VAL A 99 -7.17 -24.40 -0.52
C VAL A 99 -6.80 -23.28 -1.48
N PHE A 100 -7.28 -22.07 -1.19
CA PHE A 100 -6.85 -20.87 -1.89
C PHE A 100 -5.73 -20.19 -1.12
N LYS A 101 -4.72 -19.70 -1.83
CA LYS A 101 -3.76 -18.77 -1.24
C LYS A 101 -4.33 -17.36 -1.29
N ILE A 102 -4.16 -16.61 -0.20
CA ILE A 102 -4.65 -15.24 -0.08
C ILE A 102 -3.55 -14.35 0.46
N ASP A 103 -3.58 -13.08 0.07
CA ASP A 103 -2.73 -12.03 0.62
C ASP A 103 -3.60 -11.04 1.38
N TRP A 104 -3.34 -10.89 2.66
CA TRP A 104 -4.14 -10.01 3.47
C TRP A 104 -3.91 -8.56 3.06
N ILE A 105 -5.01 -7.82 2.97
CA ILE A 105 -4.93 -6.39 2.75
C ILE A 105 -5.17 -5.61 4.04
N CYS A 106 -5.98 -6.15 4.93
CA CYS A 106 -6.28 -5.52 6.20
C CYS A 106 -6.63 -6.62 7.19
N ARG A 107 -5.93 -6.67 8.32
CA ARG A 107 -6.22 -7.64 9.37
C ARG A 107 -6.94 -7.01 10.55
N ARG A 108 -7.38 -5.76 10.42
CA ARG A 108 -8.12 -5.03 11.44
C ARG A 108 -9.62 -5.29 11.31
N GLU A 109 -10.31 -5.11 12.44
CA GLU A 109 -11.75 -5.28 12.54
C GLU A 109 -12.49 -4.04 12.08
N LEU A 110 -13.74 -4.26 11.67
CA LEU A 110 -14.72 -3.19 11.43
C LEU A 110 -16.08 -3.58 12.00
N PRO A 111 -16.60 -2.87 12.98
CA PRO A 111 -17.94 -3.22 13.51
C PRO A 111 -19.04 -2.94 12.48
N PHE A 112 -20.06 -3.81 12.48
CA PHE A 112 -21.20 -3.65 11.58
C PHE A 112 -21.86 -2.28 11.74
N THR A 113 -21.78 -1.68 12.94
CA THR A 113 -22.38 -0.37 13.14
C THR A 113 -21.83 0.67 12.17
N LYS A 114 -20.60 0.48 11.70
CA LYS A 114 -19.97 1.45 10.81
C LYS A 114 -20.32 1.25 9.35
N SER A 115 -20.89 0.10 8.98
CA SER A 115 -21.26 -0.19 7.59
C SER A 115 -22.76 -0.12 7.37
N ALA A 116 -23.51 0.45 8.32
CA ALA A 116 -24.96 0.44 8.25
C ALA A 116 -25.50 1.25 7.08
N HIS A 117 -24.72 2.16 6.53
CA HIS A 117 -25.15 2.97 5.40
C HIS A 117 -24.85 2.32 4.04
N LEU A 118 -24.36 1.08 4.02
CA LEU A 118 -23.97 0.42 2.78
C LEU A 118 -24.89 -0.76 2.52
N THR A 119 -25.57 -0.74 1.37
CA THR A 119 -26.48 -1.81 0.98
C THR A 119 -25.90 -2.51 -0.25
N ASN A 120 -26.19 -3.80 -0.38
CA ASN A 120 -25.65 -4.64 -1.44
C ASN A 120 -26.73 -4.90 -2.48
N PRO A 121 -26.61 -4.33 -3.69
CA PRO A 121 -27.62 -4.61 -4.73
C PRO A 121 -27.80 -6.09 -5.05
N TRP A 122 -26.75 -6.90 -4.91
CA TRP A 122 -26.84 -8.31 -5.25
C TRP A 122 -27.48 -9.15 -4.15
N ASN A 123 -27.81 -8.54 -3.02
CA ASN A 123 -28.62 -9.16 -1.96
C ASN A 123 -29.78 -8.24 -1.59
N GLU A 124 -30.55 -7.84 -2.60
CA GLU A 124 -31.83 -7.16 -2.38
C GLU A 124 -31.67 -5.84 -1.63
N HIS A 125 -30.47 -5.23 -1.69
CA HIS A 125 -30.20 -3.95 -1.04
C HIS A 125 -30.32 -4.02 0.48
N LYS A 126 -30.13 -5.21 1.01
CA LYS A 126 -29.98 -5.39 2.43
C LYS A 126 -28.61 -4.87 2.85
N PRO A 127 -28.46 -4.49 4.12
CA PRO A 127 -27.17 -3.99 4.59
C PRO A 127 -26.11 -5.03 4.28
N VAL A 128 -24.91 -4.55 3.94
CA VAL A 128 -23.88 -5.43 3.42
C VAL A 128 -23.43 -6.49 4.43
N LYS A 129 -23.60 -6.24 5.73
CA LYS A 129 -23.34 -7.27 6.75
C LYS A 129 -24.22 -8.51 6.55
N ILE A 130 -25.38 -8.37 5.92
CA ILE A 130 -26.30 -9.48 5.73
C ILE A 130 -25.93 -10.26 4.46
N GLY A 131 -25.80 -11.57 4.60
CA GLY A 131 -25.49 -12.40 3.46
C GLY A 131 -24.96 -13.75 3.88
N ARG A 132 -25.23 -14.77 3.08
CA ARG A 132 -24.69 -16.09 3.30
C ARG A 132 -23.21 -16.09 2.91
N ASP A 133 -22.48 -17.06 3.46
CA ASP A 133 -21.11 -17.33 3.02
C ASP A 133 -21.06 -17.40 1.50
N GLY A 134 -20.17 -16.62 0.90
CA GLY A 134 -20.00 -16.61 -0.53
C GLY A 134 -20.82 -15.59 -1.30
N GLN A 135 -21.68 -14.83 -0.61
CA GLN A 135 -22.49 -13.82 -1.28
C GLN A 135 -21.60 -12.78 -1.97
N GLU A 136 -21.83 -12.55 -3.26
CA GLU A 136 -21.08 -11.52 -3.94
C GLU A 136 -21.57 -10.13 -3.54
N ILE A 137 -20.63 -9.20 -3.39
CA ILE A 137 -20.91 -7.80 -3.08
C ILE A 137 -20.60 -6.97 -4.32
N GLU A 138 -21.57 -6.15 -4.75
CA GLU A 138 -21.41 -5.33 -5.95
C GLU A 138 -20.22 -4.37 -5.79
N LEU A 139 -19.59 -4.02 -6.92
CA LEU A 139 -18.33 -3.27 -6.92
C LEU A 139 -18.36 -2.03 -6.04
N GLU A 140 -19.36 -1.15 -6.22
CA GLU A 140 -19.35 0.12 -5.49
C GLU A 140 -19.50 -0.10 -3.98
N CYS A 141 -20.44 -0.96 -3.59
CA CYS A 141 -20.61 -1.29 -2.18
C CYS A 141 -19.34 -1.93 -1.61
N GLY A 142 -18.75 -2.87 -2.36
CA GLY A 142 -17.56 -3.56 -1.85
C GLY A 142 -16.40 -2.63 -1.67
N THR A 143 -16.20 -1.73 -2.65
CA THR A 143 -15.14 -0.73 -2.54
C THR A 143 -15.32 0.16 -1.33
N GLN A 144 -16.53 0.69 -1.14
CA GLN A 144 -16.75 1.57 0.00
C GLN A 144 -16.61 0.81 1.32
N LEU A 145 -17.01 -0.46 1.36
CA LEU A 145 -16.86 -1.24 2.58
C LEU A 145 -15.39 -1.39 2.94
N CYS A 146 -14.56 -1.79 1.97
CA CYS A 146 -13.13 -1.94 2.24
C CYS A 146 -12.50 -0.62 2.68
N LEU A 147 -12.95 0.51 2.12
CA LEU A 147 -12.38 1.79 2.50
C LEU A 147 -12.79 2.24 3.89
N LEU A 148 -13.80 1.62 4.49
CA LEU A 148 -14.19 1.92 5.86
C LEU A 148 -13.24 1.34 6.90
N PHE A 149 -12.51 0.28 6.55
CA PHE A 149 -11.69 -0.38 7.56
C PHE A 149 -10.58 0.55 7.99
N PRO A 150 -10.18 0.46 9.25
CA PRO A 150 -8.99 1.20 9.69
C PRO A 150 -7.80 0.79 8.85
N PRO A 151 -6.90 1.72 8.54
CA PRO A 151 -5.69 1.35 7.80
C PRO A 151 -4.87 0.35 8.60
N ASP A 152 -4.33 -0.64 7.89
CA ASP A 152 -3.43 -1.63 8.50
C ASP A 152 -2.01 -1.30 8.09
N GLU A 153 -1.31 -0.59 8.98
CA GLU A 153 0.02 -0.08 8.69
C GLU A 153 1.07 -1.19 8.65
N SER A 154 0.72 -2.41 9.04
CA SER A 154 1.66 -3.51 8.98
C SER A 154 1.79 -4.12 7.60
N ILE A 155 0.93 -3.77 6.65
CA ILE A 155 0.90 -4.39 5.33
C ILE A 155 1.38 -3.37 4.30
N ASP A 156 2.23 -3.83 3.40
CA ASP A 156 2.75 -3.04 2.28
C ASP A 156 2.12 -3.58 1.01
N LEU A 157 1.27 -2.76 0.38
CA LEU A 157 0.56 -3.23 -0.82
C LEU A 157 1.43 -3.29 -2.07
N TYR A 158 2.71 -2.90 -1.99
CA TYR A 158 3.57 -2.94 -3.16
C TYR A 158 3.67 -4.35 -3.73
N GLN A 159 3.82 -5.36 -2.87
CA GLN A 159 3.95 -6.73 -3.38
C GLN A 159 2.62 -7.28 -3.89
N VAL A 160 1.51 -6.82 -3.30
CA VAL A 160 0.19 -7.21 -3.79
C VAL A 160 -0.01 -6.67 -5.21
N ILE A 161 0.33 -5.40 -5.42
CA ILE A 161 0.19 -4.80 -6.75
C ILE A 161 0.99 -5.59 -7.79
N HIS A 162 2.17 -6.09 -7.41
CA HIS A 162 2.99 -6.86 -8.35
C HIS A 162 2.38 -8.21 -8.70
N LYS A 163 1.58 -8.80 -7.81
CA LYS A 163 0.88 -10.04 -8.17
C LYS A 163 -0.10 -9.80 -9.31
N MET A 164 -0.70 -8.62 -9.37
CA MET A 164 -1.62 -8.26 -10.44
C MET A 164 -0.88 -8.17 -11.78
N GLY B 1 23.75 10.19 -21.65
CA GLY B 1 24.54 10.35 -20.44
C GLY B 1 23.81 9.85 -19.22
N THR B 2 22.79 9.05 -19.45
CA THR B 2 21.86 8.63 -18.40
C THR B 2 22.15 7.24 -17.84
N SER B 3 23.24 6.58 -18.25
CA SER B 3 23.46 5.19 -17.85
C SER B 3 23.55 5.04 -16.33
N LYS B 4 24.35 5.90 -15.68
CA LYS B 4 24.51 5.80 -14.23
C LYS B 4 23.17 6.02 -13.51
N LEU B 5 22.46 7.07 -13.88
CA LEU B 5 21.18 7.35 -13.21
C LEU B 5 20.18 6.23 -13.44
N LYS B 6 20.10 5.70 -14.66
CA LYS B 6 19.19 4.59 -14.95
C LYS B 6 19.56 3.36 -14.14
N TYR B 7 20.85 3.14 -13.88
CA TYR B 7 21.27 2.04 -13.02
C TYR B 7 20.78 2.25 -11.59
N VAL B 8 20.90 3.49 -11.08
CA VAL B 8 20.44 3.77 -9.71
C VAL B 8 18.94 3.53 -9.58
N LEU B 9 18.19 3.85 -10.63
CA LEU B 9 16.73 3.81 -10.60
C LEU B 9 16.14 2.48 -11.03
N GLN B 10 16.97 1.52 -11.44
CA GLN B 10 16.42 0.22 -11.81
C GLN B 10 15.75 -0.41 -10.59
N ASP B 11 14.51 -0.83 -10.74
CA ASP B 11 13.78 -1.51 -9.67
C ASP B 11 13.58 -0.64 -8.43
N ALA B 12 13.61 0.68 -8.57
CA ALA B 12 13.45 1.57 -7.42
C ALA B 12 11.97 1.71 -7.01
N ARG B 13 11.76 2.17 -5.79
CA ARG B 13 10.46 2.70 -5.37
C ARG B 13 10.58 4.21 -5.18
N PHE B 14 9.47 4.91 -5.45
CA PHE B 14 9.46 6.36 -5.50
C PHE B 14 8.36 6.92 -4.61
N PHE B 15 8.68 7.96 -3.86
CA PHE B 15 7.72 8.62 -2.99
C PHE B 15 7.77 10.13 -3.16
N LEU B 16 6.61 10.74 -3.27
CA LEU B 16 6.49 12.19 -3.27
C LEU B 16 6.60 12.68 -1.83
N ILE B 17 7.43 13.69 -1.62
CA ILE B 17 7.59 14.31 -0.32
C ILE B 17 7.14 15.76 -0.44
N LYS B 18 6.14 16.14 0.34
CA LYS B 18 5.69 17.53 0.36
C LYS B 18 6.15 18.20 1.64
N SER B 19 6.83 19.33 1.51
CA SER B 19 7.31 20.09 2.64
C SER B 19 6.51 21.38 2.76
N ASN B 20 6.19 21.74 3.99
CA ASN B 20 5.46 22.99 4.22
C ASN B 20 6.33 24.24 3.98
N ASN B 21 7.65 24.13 4.01
CA ASN B 21 8.47 25.33 3.89
C ASN B 21 9.77 25.02 3.14
N HIS B 22 10.35 26.08 2.58
CA HIS B 22 11.59 25.93 1.84
C HIS B 22 12.76 25.68 2.79
N GLU B 23 12.64 26.15 4.03
CA GLU B 23 13.79 26.13 4.93
C GLU B 23 14.21 24.69 5.27
N ASN B 24 13.23 23.81 5.53
CA ASN B 24 13.56 22.43 5.84
C ASN B 24 14.17 21.70 4.64
N VAL B 25 13.77 22.08 3.42
CA VAL B 25 14.38 21.46 2.25
C VAL B 25 15.84 21.93 2.11
N SER B 26 16.10 23.22 2.32
CA SER B 26 17.47 23.71 2.30
CA SER B 26 17.48 23.70 2.31
C SER B 26 18.32 22.98 3.34
N LEU B 27 17.80 22.79 4.55
CA LEU B 27 18.53 22.07 5.57
C LEU B 27 18.83 20.66 5.10
N ALA B 28 17.80 19.98 4.58
CA ALA B 28 17.93 18.58 4.16
C ALA B 28 18.92 18.43 3.03
N LYS B 29 18.95 19.40 2.12
CA LYS B 29 19.87 19.36 1.00
C LYS B 29 21.32 19.47 1.43
N ALA B 30 21.58 20.27 2.47
CA ALA B 30 22.96 20.47 2.90
C ALA B 30 23.45 19.32 3.79
N LYS B 31 22.59 18.81 4.67
CA LYS B 31 22.97 17.80 5.65
C LYS B 31 22.69 16.37 5.21
N GLY B 32 21.85 16.14 4.20
CA GLY B 32 21.58 14.79 3.75
C GLY B 32 20.72 13.99 4.72
N VAL B 33 19.65 14.59 5.21
CA VAL B 33 18.74 13.95 6.16
C VAL B 33 17.30 14.33 5.83
N TRP B 34 16.37 13.47 6.23
CA TRP B 34 14.96 13.79 6.15
C TRP B 34 14.23 13.13 7.31
N SER B 35 13.14 13.76 7.73
CA SER B 35 12.21 13.16 8.69
C SER B 35 10.79 13.41 8.19
N THR B 36 9.90 12.48 8.49
CA THR B 36 8.50 12.57 8.06
C THR B 36 7.60 12.10 9.20
N LEU B 37 6.29 12.17 8.96
CA LEU B 37 5.29 11.77 9.94
C LEU B 37 5.27 10.25 10.11
N PRO B 38 4.75 9.74 11.24
CA PRO B 38 4.94 8.31 11.53
C PRO B 38 4.33 7.36 10.51
N VAL B 39 3.19 7.69 9.90
CA VAL B 39 2.64 6.78 8.89
C VAL B 39 3.58 6.67 7.69
N ASN B 40 4.07 7.81 7.19
CA ASN B 40 5.06 7.75 6.12
C ASN B 40 6.39 7.19 6.57
N GLU B 41 6.79 7.43 7.83
CA GLU B 41 8.03 6.85 8.30
C GLU B 41 7.97 5.33 8.22
N LYS B 42 6.82 4.75 8.59
CA LYS B 42 6.66 3.30 8.50
C LYS B 42 6.74 2.82 7.05
N LYS B 43 6.01 3.51 6.15
CA LYS B 43 6.05 3.15 4.72
C LYS B 43 7.47 3.17 4.16
N LEU B 44 8.24 4.21 4.49
CA LEU B 44 9.59 4.33 3.94
C LEU B 44 10.54 3.28 4.52
N ASN B 45 10.37 2.92 5.80
CA ASN B 45 11.22 1.88 6.35
C ASN B 45 10.95 0.53 5.70
N LEU B 46 9.65 0.22 5.48
CA LEU B 46 9.31 -1.02 4.77
C LEU B 46 9.90 -1.01 3.37
N ALA B 47 9.79 0.12 2.67
CA ALA B 47 10.29 0.20 1.29
C ALA B 47 11.81 0.05 1.25
N PHE B 48 12.51 0.59 2.24
CA PHE B 48 13.96 0.53 2.24
C PHE B 48 14.47 -0.90 2.33
N ARG B 49 13.75 -1.77 3.02
CA ARG B 49 14.14 -3.18 3.06
C ARG B 49 13.67 -3.97 1.84
N SER B 50 12.68 -3.49 1.09
CA SER B 50 12.12 -4.25 0.00
C SER B 50 12.72 -3.92 -1.36
N ALA B 51 13.38 -2.77 -1.51
CA ALA B 51 13.75 -2.28 -2.82
C ALA B 51 15.24 -1.95 -2.85
N ARG B 52 15.83 -2.07 -4.03
CA ARG B 52 17.24 -1.76 -4.18
C ARG B 52 17.53 -0.28 -3.99
N SER B 53 16.57 0.59 -4.33
CA SER B 53 16.66 2.02 -4.08
C SER B 53 15.29 2.55 -3.71
N VAL B 54 15.25 3.46 -2.74
CA VAL B 54 14.06 4.23 -2.40
C VAL B 54 14.35 5.69 -2.68
N ILE B 55 13.58 6.26 -3.59
CA ILE B 55 13.81 7.61 -4.06
C ILE B 55 12.73 8.52 -3.50
N LEU B 56 13.14 9.64 -2.90
CA LEU B 56 12.23 10.69 -2.43
C LEU B 56 12.30 11.85 -3.40
N ILE B 57 11.15 12.30 -3.91
CA ILE B 57 11.08 13.40 -4.86
C ILE B 57 10.39 14.54 -4.14
N PHE B 58 11.09 15.67 -3.95
CA PHE B 58 10.64 16.73 -3.06
C PHE B 58 9.90 17.83 -3.78
N SER B 59 8.82 18.32 -3.16
CA SER B 59 8.08 19.48 -3.64
C SER B 59 7.57 20.30 -2.46
N VAL B 60 7.99 21.58 -2.38
CA VAL B 60 7.51 22.49 -1.35
C VAL B 60 6.09 22.94 -1.71
N ARG B 61 5.20 22.93 -0.73
CA ARG B 61 3.81 23.28 -0.98
C ARG B 61 3.72 24.68 -1.54
N GLU B 62 2.88 24.84 -2.55
CA GLU B 62 2.57 26.10 -3.23
C GLU B 62 3.71 26.61 -4.12
N SER B 63 4.83 25.89 -4.22
CA SER B 63 5.95 26.40 -5.02
C SER B 63 5.77 26.20 -6.53
N GLY B 64 4.88 25.30 -6.95
CA GLY B 64 4.76 24.99 -8.36
C GLY B 64 5.91 24.22 -8.96
N LYS B 65 6.81 23.66 -8.14
CA LYS B 65 7.99 22.98 -8.64
C LYS B 65 8.31 21.80 -7.73
N PHE B 66 9.11 20.89 -8.29
CA PHE B 66 9.92 19.96 -7.49
C PHE B 66 11.28 20.59 -7.23
N GLN B 67 11.84 20.33 -6.05
CA GLN B 67 13.13 20.91 -5.68
C GLN B 67 14.30 19.94 -5.80
N GLY B 68 14.07 18.68 -6.11
CA GLY B 68 15.15 17.73 -6.27
C GLY B 68 14.68 16.35 -5.88
N PHE B 69 15.62 15.39 -5.95
CA PHE B 69 15.31 14.04 -5.52
C PHE B 69 16.56 13.40 -4.90
N ALA B 70 16.31 12.48 -3.96
CA ALA B 70 17.36 11.85 -3.18
C ALA B 70 17.05 10.37 -2.96
N ARG B 71 18.08 9.61 -2.64
CA ARG B 71 17.94 8.18 -2.33
C ARG B 71 18.17 7.93 -0.85
N LEU B 72 17.29 7.14 -0.23
CA LEU B 72 17.50 6.72 1.16
C LEU B 72 18.78 5.89 1.27
N SER B 73 19.65 6.27 2.20
CA SER B 73 20.78 5.41 2.49
C SER B 73 20.61 4.63 3.79
N SER B 74 19.53 4.88 4.54
CA SER B 74 19.28 4.19 5.79
C SER B 74 17.78 4.19 6.09
N GLU B 75 17.38 3.24 6.94
CA GLU B 75 16.11 3.33 7.64
C GLU B 75 16.17 4.50 8.61
N SER B 76 15.01 4.85 9.16
CA SER B 76 14.96 5.95 10.12
C SER B 76 15.64 5.51 11.41
N HIS B 77 16.28 6.46 12.07
CA HIS B 77 17.00 6.17 13.29
C HIS B 77 16.71 7.25 14.33
N HIS B 78 16.57 6.83 15.57
CA HIS B 78 16.28 7.73 16.68
C HIS B 78 17.54 7.85 17.53
N GLY B 79 17.62 8.95 18.27
CA GLY B 79 18.70 9.14 19.21
C GLY B 79 19.89 9.93 18.70
N GLY B 80 19.87 10.39 17.45
CA GLY B 80 20.95 11.23 16.95
C GLY B 80 20.86 12.63 17.52
N SER B 81 21.79 13.46 17.09
CA SER B 81 21.73 14.87 17.46
C SER B 81 20.46 15.47 16.88
N PRO B 82 19.68 16.22 17.67
CA PRO B 82 18.41 16.74 17.18
C PRO B 82 18.61 17.62 15.95
N ILE B 83 18.10 17.17 14.81
CA ILE B 83 18.01 18.06 13.65
C ILE B 83 17.04 19.16 14.00
N HIS B 84 17.51 20.40 13.97
CA HIS B 84 16.66 21.53 14.31
C HIS B 84 15.85 21.96 13.09
N TRP B 85 14.94 21.06 12.69
CA TRP B 85 13.96 21.38 11.68
C TRP B 85 13.21 22.65 12.08
N VAL B 86 12.79 23.43 11.08
CA VAL B 86 11.82 24.51 11.30
C VAL B 86 10.44 23.86 11.31
N LEU B 87 9.85 23.77 12.50
CA LEU B 87 8.64 22.98 12.70
C LEU B 87 7.41 23.83 12.40
N PRO B 88 6.57 23.44 11.45
CA PRO B 88 5.27 24.10 11.28
C PRO B 88 4.38 23.91 12.52
N ALA B 89 3.37 24.76 12.62
CA ALA B 89 2.43 24.68 13.74
C ALA B 89 1.64 23.38 13.67
N GLY B 90 1.34 22.83 14.85
CA GLY B 90 0.73 21.52 14.91
C GLY B 90 1.69 20.40 14.61
N MET B 91 2.97 20.58 14.92
CA MET B 91 4.01 19.62 14.59
C MET B 91 5.18 19.89 15.52
N SER B 92 5.55 18.89 16.33
CA SER B 92 6.65 19.02 17.28
C SER B 92 7.75 18.04 16.92
N ALA B 93 8.90 18.21 17.59
CA ALA B 93 10.09 17.43 17.25
C ALA B 93 9.84 15.93 17.41
N LYS B 94 8.97 15.53 18.35
CA LYS B 94 8.71 14.12 18.55
C LYS B 94 8.04 13.48 17.34
N MET B 95 7.22 14.25 16.60
CA MET B 95 6.59 13.69 15.41
C MET B 95 7.62 13.44 14.31
N LEU B 96 8.58 14.36 14.13
CA LEU B 96 9.64 14.22 13.15
C LEU B 96 10.87 13.52 13.72
N GLY B 97 10.66 12.56 14.63
CA GLY B 97 11.78 12.06 15.42
C GLY B 97 12.73 11.18 14.63
N GLY B 98 12.20 10.23 13.87
CA GLY B 98 13.07 9.34 13.12
C GLY B 98 13.78 10.10 12.01
N VAL B 99 15.09 9.92 11.92
CA VAL B 99 15.89 10.59 10.90
C VAL B 99 16.37 9.57 9.88
N PHE B 100 16.04 9.81 8.61
CA PHE B 100 16.60 9.04 7.51
C PHE B 100 17.83 9.75 6.97
N LYS B 101 18.90 8.99 6.72
CA LYS B 101 20.01 9.52 5.94
C LYS B 101 19.68 9.37 4.45
N ILE B 102 19.97 10.43 3.68
CA ILE B 102 19.64 10.48 2.25
C ILE B 102 20.84 11.01 1.48
N ASP B 103 21.01 10.49 0.27
CA ASP B 103 22.02 10.98 -0.67
C ASP B 103 21.30 11.67 -1.82
N TRP B 104 21.51 12.96 -1.95
CA TRP B 104 20.88 13.71 -3.04
C TRP B 104 21.43 13.27 -4.39
N ILE B 105 20.54 13.13 -5.35
CA ILE B 105 20.90 12.82 -6.73
C ILE B 105 20.77 14.07 -7.59
N CYS B 106 19.78 14.92 -7.28
CA CYS B 106 19.65 16.17 -8.02
C CYS B 106 19.10 17.18 -7.04
N ARG B 107 19.73 18.34 -6.94
CA ARG B 107 19.25 19.37 -6.04
C ARG B 107 18.72 20.56 -6.83
N ARG B 108 18.53 20.40 -8.13
CA ARG B 108 17.99 21.46 -8.98
C ARG B 108 16.47 21.35 -9.15
N GLU B 109 15.84 22.50 -9.39
CA GLU B 109 14.40 22.55 -9.54
C GLU B 109 13.92 21.98 -10.88
N LEU B 110 12.72 21.42 -10.84
CA LEU B 110 11.96 21.06 -12.03
C LEU B 110 10.56 21.66 -11.90
N PRO B 111 10.19 22.62 -12.74
CA PRO B 111 8.83 23.17 -12.64
C PRO B 111 7.79 22.16 -13.09
N PHE B 112 6.61 22.27 -12.47
CA PHE B 112 5.50 21.38 -12.80
C PHE B 112 5.18 21.44 -14.29
N THR B 113 5.48 22.57 -14.95
CA THR B 113 5.21 22.70 -16.37
C THR B 113 6.04 21.75 -17.23
N LYS B 114 7.12 21.17 -16.70
CA LYS B 114 7.91 20.20 -17.45
C LYS B 114 7.49 18.77 -17.17
N SER B 115 6.60 18.53 -16.20
CA SER B 115 6.12 17.18 -15.91
C SER B 115 4.65 16.99 -16.23
N ALA B 116 4.07 17.91 -16.99
CA ALA B 116 2.63 17.92 -17.20
C ALA B 116 2.13 16.72 -17.99
N HIS B 117 3.01 16.06 -18.74
CA HIS B 117 2.66 14.87 -19.53
C HIS B 117 2.74 13.56 -18.74
N LEU B 118 3.17 13.58 -17.48
CA LEU B 118 3.34 12.35 -16.70
C LEU B 118 2.23 12.19 -15.68
N THR B 119 1.58 11.02 -15.69
CA THR B 119 0.52 10.68 -14.75
C THR B 119 0.91 9.42 -13.98
N ASN B 120 0.47 9.36 -12.72
CA ASN B 120 0.82 8.28 -11.81
C ASN B 120 -0.33 7.27 -11.76
N PRO B 121 -0.14 6.05 -12.28
CA PRO B 121 -1.24 5.06 -12.21
C PRO B 121 -1.69 4.74 -10.78
N TRP B 122 -0.78 4.85 -9.81
CA TRP B 122 -1.09 4.54 -8.43
C TRP B 122 -1.75 5.70 -7.69
N ASN B 123 -2.04 6.79 -8.39
CA ASN B 123 -2.89 7.87 -7.89
C ASN B 123 -3.93 8.24 -8.91
N GLU B 124 -4.69 7.23 -9.36
CA GLU B 124 -5.84 7.43 -10.25
C GLU B 124 -5.47 8.07 -11.59
N HIS B 125 -4.21 7.90 -12.02
CA HIS B 125 -3.75 8.39 -13.31
C HIS B 125 -3.81 9.92 -13.37
N LYS B 126 -3.69 10.57 -12.18
CA LYS B 126 -3.59 12.03 -12.08
C LYS B 126 -2.17 12.48 -12.38
N PRO B 127 -1.99 13.72 -12.85
CA PRO B 127 -0.64 14.24 -13.08
C PRO B 127 0.23 14.05 -11.85
N VAL B 128 1.50 13.70 -12.09
CA VAL B 128 2.39 13.27 -11.01
C VAL B 128 2.65 14.37 -9.98
N LYS B 129 2.47 15.64 -10.37
CA LYS B 129 2.57 16.74 -9.41
C LYS B 129 1.50 16.65 -8.31
N ILE B 130 0.40 15.94 -8.55
CA ILE B 130 -0.70 15.86 -7.58
C ILE B 130 -0.45 14.69 -6.64
N GLY B 131 -0.43 14.97 -5.35
CA GLY B 131 -0.40 13.90 -4.37
C GLY B 131 -0.14 14.42 -2.98
N ARG B 132 -0.47 13.63 -1.96
CA ARG B 132 -0.18 14.00 -0.59
C ARG B 132 1.27 13.65 -0.26
N ASP B 133 1.77 14.24 0.83
CA ASP B 133 3.05 13.81 1.37
C ASP B 133 3.07 12.30 1.49
N GLY B 134 4.10 11.67 0.94
CA GLY B 134 4.24 10.23 1.00
C GLY B 134 3.55 9.44 -0.10
N GLN B 135 2.91 10.09 -1.07
CA GLN B 135 2.25 9.35 -2.13
C GLN B 135 3.27 8.54 -2.93
N GLU B 136 3.04 7.24 -3.06
CA GLU B 136 3.97 6.42 -3.83
C GLU B 136 3.70 6.62 -5.31
N ILE B 137 4.77 6.65 -6.10
CA ILE B 137 4.70 6.85 -7.54
C ILE B 137 5.14 5.54 -8.21
N GLU B 138 4.35 5.06 -9.18
CA GLU B 138 4.66 3.82 -9.87
C GLU B 138 6.01 3.93 -10.59
N LEU B 139 6.67 2.78 -10.76
CA LEU B 139 8.06 2.72 -11.21
C LEU B 139 8.32 3.51 -12.50
N GLU B 140 7.55 3.27 -13.56
CA GLU B 140 7.88 3.93 -14.82
C GLU B 140 7.62 5.43 -14.74
N CYS B 141 6.51 5.84 -14.13
CA CYS B 141 6.27 7.25 -13.90
C CYS B 141 7.40 7.90 -13.10
N GLY B 142 7.77 7.29 -11.97
CA GLY B 142 8.85 7.84 -11.15
C GLY B 142 10.16 7.93 -11.90
N THR B 143 10.48 6.90 -12.68
CA THR B 143 11.73 6.92 -13.45
C THR B 143 11.74 8.06 -14.46
N GLN B 144 10.67 8.22 -15.22
CA GLN B 144 10.64 9.29 -16.21
C GLN B 144 10.64 10.65 -15.54
N LEU B 145 9.94 10.79 -14.40
CA LEU B 145 10.00 12.06 -13.67
C LEU B 145 11.43 12.42 -13.28
N CYS B 146 12.17 11.47 -12.71
CA CYS B 146 13.54 11.76 -12.29
C CYS B 146 14.44 12.09 -13.48
N LEU B 147 14.19 11.46 -14.64
CA LEU B 147 15.00 11.75 -15.82
C LEU B 147 14.73 13.13 -16.39
N LEU B 148 13.63 13.77 -15.97
CA LEU B 148 13.32 15.12 -16.44
C LEU B 148 14.22 16.17 -15.81
N PHE B 149 14.77 15.91 -14.62
CA PHE B 149 15.55 16.92 -13.92
C PHE B 149 16.84 17.23 -14.68
N PRO B 150 17.33 18.45 -14.61
CA PRO B 150 18.61 18.78 -15.28
C PRO B 150 19.79 18.15 -14.56
N PRO B 151 20.91 17.97 -15.23
CA PRO B 151 22.11 17.44 -14.56
C PRO B 151 22.55 18.38 -13.45
N ASP B 152 23.00 17.80 -12.33
CA ASP B 152 23.47 18.59 -11.20
C ASP B 152 24.97 18.42 -11.07
N GLU B 153 25.71 19.48 -11.38
CA GLU B 153 27.17 19.43 -11.40
C GLU B 153 27.77 19.36 -10.00
N SER B 154 26.99 19.63 -8.96
CA SER B 154 27.46 19.50 -7.58
C SER B 154 27.39 18.07 -7.06
N ILE B 155 26.78 17.16 -7.81
CA ILE B 155 26.51 15.81 -7.33
C ILE B 155 27.44 14.84 -8.05
N ASP B 156 27.99 13.90 -7.30
CA ASP B 156 28.74 12.77 -7.84
C ASP B 156 28.00 11.50 -7.48
N LEU B 157 27.53 10.76 -8.49
CA LEU B 157 26.78 9.53 -8.24
C LEU B 157 27.63 8.38 -7.73
N TYR B 158 28.95 8.56 -7.66
CA TYR B 158 29.85 7.45 -7.33
C TYR B 158 29.54 6.87 -5.95
N GLN B 159 29.35 7.73 -4.97
CA GLN B 159 29.06 7.30 -3.60
C GLN B 159 27.81 6.44 -3.54
N VAL B 160 26.76 6.84 -4.28
CA VAL B 160 25.52 6.10 -4.28
C VAL B 160 25.70 4.73 -4.90
N ILE B 161 26.36 4.68 -6.06
CA ILE B 161 26.50 3.41 -6.77
C ILE B 161 27.26 2.38 -5.92
N HIS B 162 28.19 2.84 -5.08
CA HIS B 162 28.87 1.93 -4.15
C HIS B 162 28.03 1.57 -2.92
N LYS B 163 27.03 2.38 -2.57
CA LYS B 163 26.12 2.03 -1.49
C LYS B 163 25.13 0.94 -1.90
N MET B 164 25.14 0.56 -3.16
CA MET B 164 24.13 -0.29 -3.75
C MET B 164 24.71 -1.69 -3.88
S SO4 C . -0.07 5.36 -0.73
O1 SO4 C . -0.72 4.16 -1.26
O2 SO4 C . 1.08 5.66 -1.58
O3 SO4 C . 0.25 5.06 0.67
O4 SO4 C . -1.06 6.44 -0.75
S SO4 D . -24.79 -14.06 -5.64
O1 SO4 D . -24.43 -14.57 -6.96
O2 SO4 D . -25.72 -14.99 -4.99
O3 SO4 D . -23.61 -13.90 -4.78
O4 SO4 D . -25.47 -12.76 -5.79
S SO4 E . -5.33 -29.34 -7.70
O1 SO4 E . -5.04 -30.54 -8.48
O2 SO4 E . -6.69 -29.45 -7.18
O3 SO4 E . -4.37 -29.22 -6.60
O4 SO4 E . -5.22 -28.15 -8.55
S SO4 F . -13.26 -25.37 -11.39
O1 SO4 F . -14.01 -26.52 -11.93
O2 SO4 F . -11.84 -25.71 -11.31
O3 SO4 F . -13.78 -25.02 -10.06
O4 SO4 F . -13.43 -24.24 -12.31
C10 JII G . -19.60 -21.06 6.74
C13 JII G . -20.86 -24.38 8.63
C15 JII G . -22.08 -24.21 6.31
C17 JII G . -23.65 -23.78 4.60
C02 JII G . -15.86 -22.15 9.29
C04 JII G . -14.76 -22.19 7.06
C06 JII G . -12.30 -22.76 6.71
C07 JII G . -16.10 -21.83 6.41
C08 JII G . -17.21 -21.64 7.18
C11 JII G . -20.34 -22.35 7.03
C12 JII G . -20.10 -23.09 8.34
C14 JII G . -21.84 -24.95 7.63
C18 JII G . -21.33 -22.91 6.01
C19 JII G . -17.74 -21.33 5.11
N03 JII G . -14.69 -22.35 8.48
N05 JII G . -13.61 -22.38 6.21
N09 JII G . -18.23 -21.33 6.36
N20 JII G . -16.42 -21.63 5.14
N21 JII G . -17.14 -21.80 8.67
O16 JII G . -22.99 -24.74 5.39
CL01 JII G . -15.78 -22.35 11.07
S SO4 H . 18.49 25.45 -9.83
O1 SO4 H . 18.52 24.76 -11.12
O2 SO4 H . 19.70 25.12 -9.07
O3 SO4 H . 18.42 26.89 -10.04
O4 SO4 H . 17.31 25.01 -9.08
S SO4 I . -0.57 16.16 3.58
O1 SO4 I . 0.21 16.22 2.34
O2 SO4 I . 0.10 15.28 4.54
O3 SO4 I . -1.91 15.65 3.29
O4 SO4 I . -0.70 17.50 4.13
S SO4 J . 16.13 2.91 15.89
O1 SO4 J . 15.91 3.21 14.49
O2 SO4 J . 17.38 2.17 16.05
O3 SO4 J . 16.21 4.15 16.67
O4 SO4 J . 15.02 2.09 16.37
S SO4 K . 9.22 0.47 11.71
O1 SO4 K . 9.30 -0.63 10.74
O2 SO4 K . 10.49 0.59 12.42
O3 SO4 K . 8.16 0.18 12.68
O4 SO4 K . 8.94 1.72 10.99
C10 JII L . 4.46 17.85 5.39
C13 JII L . 1.00 17.31 7.43
C15 JII L . 2.52 19.03 8.76
C17 JII L . 1.61 20.03 10.69
C02 JII L . 8.14 20.26 6.74
C04 JII L . 9.08 18.01 7.21
C06 JII L . 11.43 17.60 7.95
C07 JII L . 7.76 17.38 6.72
C08 JII L . 6.75 18.16 6.28
C11 JII L . 3.39 17.98 6.48
C12 JII L . 2.09 17.18 6.36
C14 JII L . 1.23 18.23 8.63
C18 JII L . 3.61 18.91 7.68
C19 JII L . 6.12 16.10 6.12
N03 JII L . 9.23 19.44 7.20
N05 JII L . 10.12 17.11 7.66
N09 JII L . 5.73 17.38 5.93
N20 JII L . 7.38 16.09 6.62
N21 JII L . 6.89 19.65 6.27
O16 JII L . 2.72 19.88 9.85
CL01 JII L . 8.23 22.02 6.69
#